data_3ZO5
#
_entry.id   3ZO5
#
_cell.length_a   145.518
_cell.length_b   145.518
_cell.length_c   104.671
_cell.angle_alpha   90.00
_cell.angle_beta   90.00
_cell.angle_gamma   120.00
#
_symmetry.space_group_name_H-M   'H 3 2'
#
loop_
_entity.id
_entity.type
_entity.pdbx_description
1 polymer 'SENTRIN-SPECIFIC PROTEASE 2'
2 polymer 'SMALL UBIQUITIN-RELATED MODIFIER 2'
3 water water
#
loop_
_entity_poly.entity_id
_entity_poly.type
_entity_poly.pdbx_seq_one_letter_code
_entity_poly.pdbx_strand_id
1 'polypeptide(L)'
;GSHMADDLLELTEDMEKEISNALGHGPQDEILSSAPPPPAKGGLRITRGDIQTLKNYHWLNDEVINFYMNLLVERNKKQG
YPALHVFSTFFYPKLKSGGYQAVKRWTKGVNLFEQEIILVPIHRKVHWSLVVIDLRKKCLKYLDSMGQKGHRICEILLQY
LQDESKTKRNSDLNLLEWTHHSMKPHEIPQQLNGSDSGMFTCKYADYISRDKPITFTQHQMPLFRKKMVWEILHQQLL
;
A
2 'polypeptide(L)'
;MANDHINLKVAGQDGSVVQFKIKRHTPLSKLMKAYCERQGLSMRQIRFRFDGQPINETDTPAQLEMEDEDTIDVFQQQTG
GVYLEHHHH
;
B
#
# COMPACT_ATOMS: atom_id res chain seq x y z
N LEU A 9 7.09 2.43 -24.47
CA LEU A 9 8.11 1.35 -24.47
C LEU A 9 7.77 -0.01 -25.15
N GLU A 10 8.35 -0.28 -26.32
CA GLU A 10 8.30 -1.63 -26.89
C GLU A 10 9.36 -2.48 -26.17
N LEU A 11 8.99 -3.68 -25.73
CA LEU A 11 9.82 -4.42 -24.78
C LEU A 11 10.81 -5.35 -25.46
N THR A 12 11.92 -5.57 -24.80
CA THR A 12 12.99 -6.42 -25.28
C THR A 12 12.50 -7.83 -25.30
N GLU A 13 13.14 -8.68 -26.11
CA GLU A 13 12.79 -10.10 -26.12
C GLU A 13 13.14 -10.73 -24.78
N ASP A 14 14.24 -10.30 -24.18
CA ASP A 14 14.57 -10.78 -22.88
C ASP A 14 13.57 -10.23 -21.87
N MET A 15 13.13 -8.97 -22.01
CA MET A 15 12.18 -8.40 -21.06
C MET A 15 10.90 -9.24 -21.00
N GLU A 16 10.31 -9.44 -22.18
CA GLU A 16 9.18 -10.29 -22.49
C GLU A 16 9.30 -11.63 -21.83
N LYS A 17 10.41 -12.29 -22.11
CA LYS A 17 10.80 -13.52 -21.48
C LYS A 17 10.77 -13.48 -19.97
N GLU A 18 11.50 -12.57 -19.34
CA GLU A 18 11.48 -12.58 -17.88
C GLU A 18 10.07 -12.28 -17.31
N ILE A 19 9.30 -11.48 -18.04
CA ILE A 19 7.96 -11.10 -17.57
C ILE A 19 7.06 -12.35 -17.63
N SER A 20 7.13 -13.08 -18.75
CA SER A 20 6.42 -14.31 -18.99
C SER A 20 6.84 -15.36 -17.91
N ASN A 21 8.10 -15.42 -17.61
CA ASN A 21 8.49 -16.29 -16.52
C ASN A 21 7.94 -15.90 -15.16
N ALA A 22 7.85 -14.60 -14.87
CA ALA A 22 7.40 -14.23 -13.56
C ALA A 22 5.85 -14.55 -13.46
N LEU A 23 5.11 -14.41 -14.57
CA LEU A 23 3.66 -14.63 -14.59
C LEU A 23 3.29 -16.08 -14.80
N GLY A 24 4.17 -16.92 -15.33
CA GLY A 24 3.86 -18.33 -15.66
C GLY A 24 3.83 -19.26 -14.45
N HIS A 25 3.60 -20.55 -14.68
CA HIS A 25 3.50 -21.57 -13.61
C HIS A 25 4.70 -21.64 -12.69
N GLY A 26 4.48 -21.99 -11.42
CA GLY A 26 5.54 -22.20 -10.40
C GLY A 26 4.87 -22.01 -9.04
N PRO A 27 5.62 -22.18 -7.93
CA PRO A 27 5.11 -22.02 -6.55
C PRO A 27 4.60 -20.62 -6.29
N GLN A 28 3.32 -20.55 -5.99
CA GLN A 28 2.60 -19.38 -5.72
C GLN A 28 3.27 -18.57 -4.61
N ASP A 29 3.95 -19.24 -3.70
CA ASP A 29 4.51 -18.57 -2.51
C ASP A 29 5.91 -18.17 -2.74
N GLU A 30 6.46 -18.47 -3.91
CA GLU A 30 7.86 -18.13 -4.21
C GLU A 30 8.02 -16.62 -4.25
N ILE A 31 9.00 -16.13 -3.51
CA ILE A 31 9.22 -14.75 -3.34
C ILE A 31 10.14 -14.29 -4.51
N LEU A 32 9.61 -13.36 -5.30
CA LEU A 32 10.22 -12.91 -6.57
C LEU A 32 10.89 -11.56 -6.42
N SER A 33 10.48 -10.77 -5.43
CA SER A 33 11.22 -9.50 -5.22
C SER A 33 10.92 -9.06 -3.80
N SER A 34 11.94 -8.55 -3.10
CA SER A 34 11.74 -7.87 -1.78
C SER A 34 12.49 -6.58 -1.67
N ALA A 35 11.84 -5.63 -1.00
CA ALA A 35 12.36 -4.28 -0.88
C ALA A 35 12.28 -3.79 0.60
N PRO A 36 13.44 -3.52 1.27
CA PRO A 36 14.81 -3.88 0.89
C PRO A 36 14.94 -5.39 0.88
N PRO A 37 15.88 -5.95 0.06
CA PRO A 37 16.07 -7.43 -0.05
C PRO A 37 16.88 -8.02 1.14
N PRO A 38 16.87 -9.39 1.29
CA PRO A 38 17.63 -10.04 2.41
C PRO A 38 19.12 -9.61 2.50
N PRO A 39 19.67 -9.39 3.73
CA PRO A 39 18.97 -9.24 5.01
C PRO A 39 18.55 -7.81 5.25
N ALA A 40 17.25 -7.58 5.33
CA ALA A 40 16.76 -6.29 5.79
C ALA A 40 15.57 -6.55 6.71
N LYS A 41 15.37 -5.70 7.71
CA LYS A 41 14.12 -5.69 8.53
C LYS A 41 12.88 -5.54 7.64
N GLY A 42 11.87 -6.40 7.86
CA GLY A 42 10.69 -6.53 6.98
C GLY A 42 10.18 -5.26 6.33
N GLY A 43 10.43 -5.04 5.06
CA GLY A 43 10.71 -6.00 4.07
C GLY A 43 9.37 -6.15 3.29
N LEU A 44 9.04 -5.28 2.35
CA LEU A 44 7.92 -5.66 1.37
C LEU A 44 8.29 -6.77 0.46
N ARG A 45 7.32 -7.60 0.11
CA ARG A 45 7.57 -8.79 -0.67
C ARG A 45 6.53 -8.94 -1.76
N ILE A 46 6.91 -9.65 -2.81
CA ILE A 46 5.99 -9.92 -3.85
C ILE A 46 6.25 -11.40 -4.11
N THR A 47 5.20 -12.25 -4.06
CA THR A 47 5.40 -13.64 -4.42
C THR A 47 4.87 -13.76 -5.81
N ARG A 48 5.10 -14.90 -6.41
CA ARG A 48 4.53 -15.25 -7.69
C ARG A 48 3.01 -15.12 -7.75
N GLY A 49 2.31 -15.64 -6.75
CA GLY A 49 0.87 -15.36 -6.62
C GLY A 49 0.55 -13.87 -6.66
N ASP A 50 1.28 -13.01 -5.97
CA ASP A 50 0.87 -11.58 -6.03
C ASP A 50 1.16 -11.01 -7.45
N ILE A 51 2.33 -11.38 -8.00
CA ILE A 51 2.74 -10.73 -9.28
C ILE A 51 1.81 -11.20 -10.41
N GLN A 52 1.25 -12.41 -10.28
CA GLN A 52 0.13 -12.87 -11.17
C GLN A 52 -1.09 -12.06 -11.14
N THR A 53 -1.29 -11.24 -10.11
CA THR A 53 -2.48 -10.39 -10.22
C THR A 53 -2.21 -9.29 -11.26
N LEU A 54 -0.97 -9.25 -11.85
CA LEU A 54 -0.73 -8.31 -13.00
C LEU A 54 -1.04 -8.91 -14.38
N LYS A 55 -1.36 -10.22 -14.43
CA LYS A 55 -1.89 -10.76 -15.71
C LYS A 55 -3.04 -9.95 -16.17
N ASN A 56 -3.18 -9.89 -17.47
CA ASN A 56 -4.16 -9.04 -17.99
C ASN A 56 -5.55 -9.60 -17.49
N TYR A 57 -6.52 -8.71 -17.38
CA TYR A 57 -7.83 -8.97 -16.83
C TYR A 57 -7.89 -9.28 -15.35
N HIS A 58 -6.76 -9.49 -14.66
CA HIS A 58 -6.81 -9.77 -13.22
C HIS A 58 -6.80 -8.52 -12.45
N TRP A 59 -7.37 -8.57 -11.25
CA TRP A 59 -7.40 -7.43 -10.33
C TRP A 59 -6.10 -7.39 -9.51
N LEU A 60 -5.50 -6.23 -9.25
CA LEU A 60 -4.22 -6.19 -8.53
C LEU A 60 -4.56 -6.41 -7.07
N ASN A 61 -3.65 -6.95 -6.26
CA ASN A 61 -3.97 -7.06 -4.83
C ASN A 61 -3.17 -6.03 -4.07
N ASP A 62 -3.36 -5.97 -2.77
CA ASP A 62 -2.69 -4.95 -1.98
C ASP A 62 -1.18 -5.08 -2.08
N GLU A 63 -0.67 -6.30 -2.26
CA GLU A 63 0.80 -6.44 -2.17
C GLU A 63 1.46 -5.75 -3.41
N VAL A 64 0.90 -5.93 -4.61
CA VAL A 64 1.35 -5.19 -5.79
C VAL A 64 1.25 -3.69 -5.54
N ILE A 65 0.06 -3.22 -5.15
CA ILE A 65 -0.09 -1.77 -4.93
C ILE A 65 0.98 -1.21 -3.95
N ASN A 66 1.09 -1.75 -2.74
CA ASN A 66 2.03 -1.21 -1.78
C ASN A 66 3.45 -1.29 -2.32
N PHE A 67 3.78 -2.36 -3.05
CA PHE A 67 5.20 -2.48 -3.51
C PHE A 67 5.45 -1.42 -4.56
N TYR A 68 4.51 -1.23 -5.47
CA TYR A 68 4.73 -0.19 -6.46
C TYR A 68 4.76 1.24 -5.87
N MET A 69 3.85 1.58 -4.96
CA MET A 69 3.84 2.92 -4.33
C MET A 69 5.17 3.24 -3.71
N ASN A 70 5.73 2.21 -3.14
CA ASN A 70 6.98 2.36 -2.58
C ASN A 70 8.15 2.56 -3.54
N LEU A 71 8.14 1.87 -4.66
CA LEU A 71 9.14 2.19 -5.71
C LEU A 71 8.99 3.72 -6.09
N LEU A 72 7.79 4.30 -6.06
CA LEU A 72 7.64 5.74 -6.44
C LEU A 72 8.37 6.62 -5.42
N VAL A 73 8.27 6.26 -4.13
CA VAL A 73 9.06 7.00 -3.12
C VAL A 73 10.58 6.99 -3.44
N GLU A 74 11.14 5.81 -3.71
CA GLU A 74 12.57 5.68 -4.07
C GLU A 74 12.91 6.46 -5.34
N ARG A 75 12.16 6.25 -6.41
CA ARG A 75 12.35 6.98 -7.67
C ARG A 75 12.32 8.51 -7.52
N ASN A 76 11.35 9.00 -6.77
CA ASN A 76 11.24 10.45 -6.55
C ASN A 76 12.50 10.95 -5.92
N LYS A 77 12.95 10.27 -4.89
CA LYS A 77 14.25 10.72 -4.30
C LYS A 77 15.39 10.69 -5.34
N LYS A 78 15.56 9.58 -6.06
CA LYS A 78 16.68 9.52 -7.01
C LYS A 78 16.58 10.60 -8.09
N GLN A 79 15.40 10.97 -8.56
CA GLN A 79 15.31 11.94 -9.67
C GLN A 79 15.19 13.45 -9.29
N GLY A 80 15.24 13.85 -8.01
CA GLY A 80 14.95 15.26 -7.65
C GLY A 80 13.46 15.61 -7.84
N TYR A 81 12.58 14.59 -7.89
CA TYR A 81 11.12 14.84 -7.89
C TYR A 81 10.63 15.18 -6.47
N PRO A 82 9.38 15.70 -6.29
CA PRO A 82 8.98 16.10 -4.92
C PRO A 82 9.05 14.94 -3.83
N ALA A 83 9.32 15.32 -2.57
CA ALA A 83 9.38 14.41 -1.40
C ALA A 83 8.01 13.74 -1.24
N LEU A 84 8.01 12.42 -1.42
CA LEU A 84 6.77 11.66 -1.51
C LEU A 84 6.65 10.78 -0.25
N HIS A 85 5.48 10.82 0.43
CA HIS A 85 5.09 9.82 1.52
C HIS A 85 3.89 9.04 1.02
N VAL A 86 3.97 7.71 1.09
CA VAL A 86 2.85 6.90 0.64
C VAL A 86 2.40 6.11 1.87
N PHE A 87 1.09 6.09 2.13
CA PHE A 87 0.56 5.28 3.18
C PHE A 87 0.26 3.89 2.61
N SER A 88 0.34 2.90 3.48
CA SER A 88 -0.17 1.54 3.22
C SER A 88 -1.60 1.51 2.73
N THR A 89 -1.95 0.56 1.87
CA THR A 89 -3.32 0.41 1.49
C THR A 89 -4.27 0.05 2.72
N PHE A 90 -3.67 -0.34 3.86
CA PHE A 90 -4.42 -0.73 5.08
C PHE A 90 -4.65 0.47 5.92
N PHE A 91 -4.00 1.59 5.57
CA PHE A 91 -4.07 2.75 6.48
C PHE A 91 -5.51 3.34 6.52
N TYR A 92 -6.10 3.60 5.37
CA TYR A 92 -7.37 4.26 5.39
C TYR A 92 -8.54 3.45 6.06
N PRO A 93 -8.73 2.17 5.71
CA PRO A 93 -9.84 1.49 6.39
C PRO A 93 -9.67 1.39 7.91
N LYS A 94 -8.44 1.21 8.36
CA LYS A 94 -8.14 1.25 9.74
C LYS A 94 -8.41 2.63 10.38
N LEU A 95 -8.11 3.69 9.67
CA LEU A 95 -8.41 5.02 10.17
C LEU A 95 -9.94 5.24 10.14
N LYS A 96 -10.63 4.77 9.09
CA LYS A 96 -12.08 4.97 8.96
C LYS A 96 -12.73 4.22 10.09
N SER A 97 -12.40 2.95 10.27
CA SER A 97 -13.01 2.14 11.28
C SER A 97 -12.55 2.61 12.67
N GLY A 98 -11.27 2.81 12.91
CA GLY A 98 -10.84 3.01 14.31
C GLY A 98 -10.22 4.35 14.74
N GLY A 99 -10.27 5.39 13.91
CA GLY A 99 -9.88 6.71 14.41
C GLY A 99 -8.39 7.01 14.52
N TYR A 100 -8.07 8.23 14.92
CA TYR A 100 -6.69 8.64 14.84
C TYR A 100 -5.79 7.77 15.68
N GLN A 101 -6.27 7.34 16.84
CA GLN A 101 -5.37 6.74 17.83
C GLN A 101 -4.86 5.43 17.26
N ALA A 102 -5.71 4.82 16.48
CA ALA A 102 -5.44 3.53 15.88
C ALA A 102 -4.29 3.58 14.87
N VAL A 103 -4.08 4.73 14.19
CA VAL A 103 -3.02 4.87 13.18
C VAL A 103 -1.92 5.86 13.56
N LYS A 104 -1.99 6.49 14.74
CA LYS A 104 -0.95 7.50 14.99
C LYS A 104 0.51 7.03 14.86
N ARG A 105 0.73 5.76 15.11
CA ARG A 105 2.07 5.17 15.15
C ARG A 105 2.53 4.79 13.74
N TRP A 106 1.64 4.89 12.77
CA TRP A 106 1.97 4.46 11.47
C TRP A 106 2.79 5.50 10.78
N THR A 107 3.00 6.66 11.41
CA THR A 107 4.03 7.62 10.95
C THR A 107 5.24 7.80 11.89
N LYS A 108 5.51 6.82 12.73
CA LYS A 108 6.63 6.93 13.67
C LYS A 108 7.92 7.23 12.93
N GLY A 109 8.75 8.10 13.49
CA GLY A 109 10.00 8.49 12.84
C GLY A 109 9.85 9.30 11.55
N VAL A 110 8.65 9.71 11.17
CA VAL A 110 8.55 10.58 10.00
C VAL A 110 7.80 11.88 10.34
N ASN A 111 8.30 13.00 9.80
CA ASN A 111 7.56 14.24 9.92
C ASN A 111 6.76 14.48 8.66
N LEU A 112 5.47 14.13 8.73
CA LEU A 112 4.67 14.08 7.54
C LEU A 112 4.65 15.43 6.86
N PHE A 113 4.71 16.49 7.67
CA PHE A 113 4.59 17.88 7.16
C PHE A 113 5.84 18.44 6.51
N GLU A 114 6.95 17.73 6.59
CA GLU A 114 8.15 18.08 5.81
C GLU A 114 8.22 17.39 4.42
N GLN A 115 7.24 16.56 4.08
CA GLN A 115 7.10 15.98 2.70
C GLN A 115 6.37 16.96 1.84
N GLU A 116 6.15 16.68 0.57
CA GLU A 116 5.47 17.62 -0.32
C GLU A 116 4.19 17.06 -0.88
N ILE A 117 4.23 15.77 -1.20
CA ILE A 117 3.07 15.09 -1.70
C ILE A 117 2.79 13.81 -0.86
N ILE A 118 1.53 13.59 -0.46
CA ILE A 118 1.17 12.36 0.26
C ILE A 118 0.16 11.60 -0.60
N LEU A 119 0.35 10.30 -0.78
CA LEU A 119 -0.57 9.49 -1.53
C LEU A 119 -1.23 8.52 -0.57
N VAL A 120 -2.56 8.43 -0.70
CA VAL A 120 -3.33 7.51 0.12
C VAL A 120 -4.12 6.65 -0.85
N PRO A 121 -3.66 5.42 -1.05
CA PRO A 121 -4.36 4.46 -1.90
C PRO A 121 -5.61 3.99 -1.11
N ILE A 122 -6.75 3.85 -1.78
CA ILE A 122 -8.04 3.62 -1.06
C ILE A 122 -8.63 2.42 -1.73
N HIS A 123 -8.84 1.30 -1.00
CA HIS A 123 -9.60 0.14 -1.49
C HIS A 123 -11.03 0.22 -1.00
N ARG A 124 -12.01 0.30 -1.91
CA ARG A 124 -13.43 0.61 -1.66
C ARG A 124 -14.09 -0.68 -1.96
N LYS A 125 -15.40 -0.78 -1.95
CA LYS A 125 -15.96 -2.15 -1.93
C LYS A 125 -15.20 -3.11 -2.85
N VAL A 126 -15.20 -2.82 -4.16
CA VAL A 126 -14.54 -3.70 -5.06
C VAL A 126 -13.42 -3.07 -5.91
N HIS A 127 -13.02 -1.82 -5.68
CA HIS A 127 -12.01 -1.17 -6.56
C HIS A 127 -11.09 -0.23 -5.82
N TRP A 128 -9.94 0.05 -6.44
CA TRP A 128 -8.94 0.96 -5.98
C TRP A 128 -9.19 2.36 -6.38
N SER A 129 -8.82 3.29 -5.50
CA SER A 129 -8.85 4.65 -5.93
C SER A 129 -7.77 5.32 -5.18
N LEU A 130 -7.60 6.62 -5.39
CA LEU A 130 -6.46 7.29 -4.78
C LEU A 130 -6.78 8.64 -4.23
N VAL A 131 -6.23 8.94 -3.05
CA VAL A 131 -6.28 10.33 -2.59
C VAL A 131 -4.86 10.92 -2.65
N VAL A 132 -4.73 12.12 -3.24
CA VAL A 132 -3.42 12.80 -3.28
C VAL A 132 -3.54 13.96 -2.32
N ILE A 133 -2.61 14.11 -1.40
CA ILE A 133 -2.62 15.27 -0.54
C ILE A 133 -1.39 16.08 -0.93
N ASP A 134 -1.65 17.28 -1.41
CA ASP A 134 -0.56 18.09 -1.88
C ASP A 134 -0.27 19.11 -0.84
N LEU A 135 0.81 18.87 -0.12
CA LEU A 135 1.15 19.76 1.00
C LEU A 135 1.61 21.12 0.50
N ARG A 136 2.26 21.20 -0.64
CA ARG A 136 2.67 22.50 -1.20
C ARG A 136 1.51 23.44 -1.38
N LYS A 137 0.37 22.89 -1.75
CA LYS A 137 -0.73 23.78 -2.07
C LYS A 137 -1.93 23.61 -1.22
N LYS A 138 -1.80 22.79 -0.17
CA LYS A 138 -2.81 22.59 0.84
C LYS A 138 -4.07 22.06 0.20
N CYS A 139 -3.92 21.02 -0.60
CA CYS A 139 -5.01 20.53 -1.45
C CYS A 139 -5.12 18.98 -1.37
N LEU A 140 -6.34 18.48 -1.33
CA LEU A 140 -6.60 17.04 -1.42
C LEU A 140 -7.41 16.70 -2.66
N LYS A 141 -7.01 15.73 -3.45
CA LYS A 141 -7.91 15.36 -4.53
C LYS A 141 -8.11 13.87 -4.56
N TYR A 142 -9.31 13.46 -4.93
CA TYR A 142 -9.72 12.08 -4.91
C TYR A 142 -9.70 11.65 -6.38
N LEU A 143 -8.86 10.68 -6.78
CA LEU A 143 -8.93 10.22 -8.18
C LEU A 143 -9.42 8.81 -8.23
N ASP A 144 -10.39 8.57 -9.10
CA ASP A 144 -11.14 7.33 -9.04
C ASP A 144 -11.42 7.05 -10.50
N SER A 145 -11.01 5.89 -10.96
CA SER A 145 -11.22 5.62 -12.38
C SER A 145 -12.66 5.25 -12.69
N MET A 146 -13.49 4.96 -11.69
CA MET A 146 -14.96 4.71 -11.95
C MET A 146 -15.79 5.94 -11.68
N GLY A 147 -15.13 7.08 -11.53
CA GLY A 147 -15.78 8.36 -11.39
C GLY A 147 -16.57 8.59 -10.08
N GLN A 148 -16.39 7.74 -9.09
CA GLN A 148 -16.93 8.04 -7.78
C GLN A 148 -16.34 9.29 -7.11
N LYS A 149 -17.11 9.85 -6.19
CA LYS A 149 -16.78 11.05 -5.48
C LYS A 149 -16.21 10.61 -4.16
N GLY A 150 -15.29 11.38 -3.60
CA GLY A 150 -14.70 10.90 -2.38
C GLY A 150 -14.59 12.01 -1.38
N HIS A 151 -15.50 12.99 -1.47
CA HIS A 151 -15.36 14.15 -0.58
C HIS A 151 -15.53 13.65 0.84
N ARG A 152 -16.24 12.53 1.04
CA ARG A 152 -16.24 11.94 2.42
C ARG A 152 -14.85 11.41 2.86
N ILE A 153 -14.25 10.57 1.99
CA ILE A 153 -12.90 10.07 2.22
C ILE A 153 -11.98 11.28 2.50
N CYS A 154 -12.09 12.32 1.69
CA CYS A 154 -11.18 13.45 1.88
C CYS A 154 -11.34 14.15 3.21
N GLU A 155 -12.58 14.26 3.68
CA GLU A 155 -12.74 14.99 4.91
C GLU A 155 -12.20 14.11 6.07
N ILE A 156 -12.37 12.79 5.96
CA ILE A 156 -11.78 11.93 6.99
C ILE A 156 -10.26 12.11 6.97
N LEU A 157 -9.68 12.26 5.77
CA LEU A 157 -8.21 12.43 5.63
C LEU A 157 -7.64 13.74 6.15
N LEU A 158 -8.38 14.81 5.87
CA LEU A 158 -8.08 16.11 6.44
C LEU A 158 -8.16 16.17 7.98
N GLN A 159 -9.20 15.60 8.55
CA GLN A 159 -9.26 15.45 9.99
C GLN A 159 -8.00 14.73 10.50
N TYR A 160 -7.66 13.60 9.89
CA TYR A 160 -6.41 12.91 10.29
C TYR A 160 -5.18 13.87 10.28
N LEU A 161 -5.05 14.70 9.24
CA LEU A 161 -3.92 15.65 9.18
C LEU A 161 -3.91 16.66 10.37
N GLN A 162 -5.09 17.12 10.77
CA GLN A 162 -5.17 18.03 11.94
C GLN A 162 -4.80 17.24 13.19
N ASP A 163 -5.28 16.01 13.29
CA ASP A 163 -4.93 15.17 14.40
C ASP A 163 -3.47 14.82 14.44
N GLU A 164 -2.84 14.48 13.30
CA GLU A 164 -1.36 14.28 13.26
C GLU A 164 -0.66 15.55 13.69
N SER A 165 -1.09 16.69 13.16
CA SER A 165 -0.30 17.87 13.35
C SER A 165 -0.32 18.27 14.83
N LYS A 166 -1.43 18.02 15.52
CA LYS A 166 -1.66 18.53 16.89
C LYS A 166 -0.84 17.63 17.81
N THR A 167 -0.84 16.34 17.48
CA THR A 167 -0.19 15.33 18.26
C THR A 167 1.32 15.40 18.01
N LYS A 168 1.78 15.40 16.77
CA LYS A 168 3.22 15.29 16.52
C LYS A 168 3.91 16.64 16.63
N ARG A 169 3.21 17.73 16.36
CA ARG A 169 3.89 19.03 16.28
C ARG A 169 3.39 19.99 17.36
N ASN A 170 2.40 19.53 18.11
CA ASN A 170 1.65 20.40 18.99
C ASN A 170 1.19 21.68 18.30
N SER A 171 0.99 21.67 16.98
CA SER A 171 0.35 22.82 16.35
C SER A 171 -0.95 22.37 15.69
N ASP A 172 -1.79 23.35 15.39
CA ASP A 172 -3.06 23.12 14.74
C ASP A 172 -2.98 23.52 13.28
N LEU A 173 -3.74 22.80 12.47
CA LEU A 173 -4.02 23.23 11.13
C LEU A 173 -5.16 24.24 11.17
N ASN A 174 -5.19 25.15 10.21
CA ASN A 174 -6.33 25.95 9.93
C ASN A 174 -7.02 25.27 8.70
N LEU A 175 -8.02 24.43 8.94
CA LEU A 175 -8.68 23.60 7.90
C LEU A 175 -9.48 24.40 6.85
N LEU A 176 -9.54 25.72 7.08
CA LEU A 176 -10.15 26.62 6.14
C LEU A 176 -9.19 26.93 4.98
N GLU A 177 -7.87 26.91 5.21
CA GLU A 177 -6.91 27.13 4.09
C GLU A 177 -6.72 25.87 3.18
N TRP A 178 -7.39 24.78 3.56
CA TRP A 178 -7.35 23.45 2.88
C TRP A 178 -8.62 23.16 2.07
N THR A 179 -8.50 22.53 0.90
CA THR A 179 -9.65 22.42 0.01
C THR A 179 -9.68 21.03 -0.68
N HIS A 180 -10.88 20.45 -0.91
CA HIS A 180 -11.10 19.13 -1.62
C HIS A 180 -11.34 19.38 -3.05
N HIS A 181 -10.88 18.47 -3.94
CA HIS A 181 -11.31 18.42 -5.35
C HIS A 181 -11.67 17.00 -5.65
N SER A 182 -12.71 16.77 -6.46
CA SER A 182 -12.93 15.45 -7.12
C SER A 182 -12.65 15.82 -8.61
N MET A 183 -12.26 14.88 -9.45
CA MET A 183 -11.97 15.24 -10.84
C MET A 183 -13.25 15.76 -11.54
N LYS A 184 -13.13 16.60 -12.56
CA LYS A 184 -14.26 16.87 -13.44
C LYS A 184 -14.54 15.68 -14.41
N PRO A 185 -15.77 15.57 -14.97
CA PRO A 185 -16.23 14.36 -15.74
C PRO A 185 -15.27 13.68 -16.79
N HIS A 186 -14.51 14.48 -17.53
CA HIS A 186 -13.48 14.09 -18.54
C HIS A 186 -12.02 14.25 -18.02
N GLU A 187 -11.68 13.97 -16.76
CA GLU A 187 -10.22 14.04 -16.34
C GLU A 187 -9.77 12.59 -16.02
N ILE A 188 -10.19 11.68 -16.92
CA ILE A 188 -9.67 10.31 -17.21
C ILE A 188 -10.41 9.01 -16.74
N PRO A 189 -11.75 9.10 -16.45
CA PRO A 189 -12.46 7.86 -16.08
C PRO A 189 -12.28 6.59 -17.03
N GLN A 190 -12.49 5.39 -16.44
CA GLN A 190 -12.87 4.14 -17.17
C GLN A 190 -13.64 3.08 -16.26
N GLN A 191 -14.98 3.01 -16.39
CA GLN A 191 -15.88 2.16 -15.52
C GLN A 191 -16.20 0.83 -16.16
N LEU A 192 -16.00 0.80 -17.48
CA LEU A 192 -15.83 -0.44 -18.23
C LEU A 192 -14.92 -1.49 -17.49
N ASN A 193 -13.76 -1.09 -16.91
CA ASN A 193 -12.95 -2.01 -16.01
C ASN A 193 -12.14 -1.60 -14.75
N GLY A 194 -12.89 -1.71 -13.65
CA GLY A 194 -12.46 -1.92 -12.28
C GLY A 194 -11.45 -3.03 -11.98
N SER A 195 -11.27 -4.03 -12.91
CA SER A 195 -10.00 -4.82 -13.18
C SER A 195 -8.81 -3.87 -13.30
N ASP A 196 -8.97 -2.78 -14.10
CA ASP A 196 -7.82 -1.88 -14.26
C ASP A 196 -7.79 -0.80 -13.24
N SER A 197 -8.74 -0.83 -12.31
CA SER A 197 -8.77 0.24 -11.24
C SER A 197 -7.49 0.34 -10.46
N GLY A 198 -6.86 -0.80 -10.13
CA GLY A 198 -5.55 -0.74 -9.44
C GLY A 198 -4.43 -0.22 -10.35
N MET A 199 -4.43 -0.58 -11.61
CA MET A 199 -3.47 0.04 -12.54
C MET A 199 -3.68 1.53 -12.70
N PHE A 200 -4.93 1.99 -12.76
CA PHE A 200 -5.18 3.44 -12.84
C PHE A 200 -4.66 4.13 -11.61
N THR A 201 -4.93 3.54 -10.44
CA THR A 201 -4.48 4.12 -9.17
C THR A 201 -2.96 4.23 -9.21
N CYS A 202 -2.27 3.19 -9.63
CA CYS A 202 -0.79 3.21 -9.61
C CYS A 202 -0.26 4.23 -10.67
N LYS A 203 -0.86 4.22 -11.85
CA LYS A 203 -0.40 5.27 -12.83
C LYS A 203 -0.77 6.66 -12.45
N TYR A 204 -1.99 6.85 -11.91
CA TYR A 204 -2.33 8.20 -11.33
C TYR A 204 -1.24 8.59 -10.40
N ALA A 205 -0.82 7.67 -9.50
CA ALA A 205 0.11 8.06 -8.44
C ALA A 205 1.48 8.34 -9.10
N ASP A 206 1.80 7.54 -10.11
CA ASP A 206 3.15 7.76 -10.76
C ASP A 206 3.23 9.20 -11.36
N TYR A 207 2.24 9.59 -12.11
CA TYR A 207 2.25 10.96 -12.76
C TYR A 207 2.12 12.08 -11.73
N ILE A 208 1.17 11.91 -10.79
CA ILE A 208 0.91 12.95 -9.77
C ILE A 208 2.16 13.17 -8.98
N SER A 209 2.90 12.11 -8.69
CA SER A 209 4.06 12.25 -7.83
C SER A 209 5.18 13.04 -8.54
N ARG A 210 5.05 13.15 -9.85
CA ARG A 210 6.04 13.90 -10.69
C ARG A 210 5.52 15.22 -11.21
N ASP A 211 4.36 15.67 -10.76
CA ASP A 211 3.82 16.92 -11.30
C ASP A 211 3.65 16.81 -12.81
N LYS A 212 3.29 15.65 -13.29
CA LYS A 212 3.21 15.49 -14.72
C LYS A 212 1.72 15.39 -15.07
N PRO A 213 1.26 16.10 -16.11
CA PRO A 213 -0.16 15.99 -16.45
C PRO A 213 -0.52 14.52 -16.79
N ILE A 214 -1.70 14.05 -16.35
CA ILE A 214 -2.16 12.71 -16.56
C ILE A 214 -2.74 12.55 -17.97
N THR A 215 -1.93 12.03 -18.88
CA THR A 215 -2.28 11.91 -20.28
C THR A 215 -2.37 10.45 -20.79
N PHE A 216 -2.18 9.41 -19.98
CA PHE A 216 -2.29 8.06 -20.59
C PHE A 216 -3.79 7.67 -20.72
N THR A 217 -4.14 6.61 -21.46
CA THR A 217 -5.58 6.22 -21.59
C THR A 217 -5.76 4.74 -21.28
N GLN A 218 -7.00 4.25 -21.29
CA GLN A 218 -7.28 2.81 -21.04
C GLN A 218 -6.47 1.91 -21.97
N HIS A 219 -6.27 2.35 -23.22
CA HIS A 219 -5.58 1.53 -24.20
C HIS A 219 -4.20 1.13 -23.77
N GLN A 220 -3.60 1.89 -22.88
CA GLN A 220 -2.22 1.56 -22.51
C GLN A 220 -2.08 0.52 -21.39
N MET A 221 -3.18 0.12 -20.73
CA MET A 221 -3.07 -0.67 -19.49
C MET A 221 -2.40 -1.98 -19.67
N PRO A 222 -2.71 -2.72 -20.74
CA PRO A 222 -2.08 -4.02 -20.84
C PRO A 222 -0.55 -3.87 -20.93
N LEU A 223 -0.06 -2.92 -21.75
CA LEU A 223 1.40 -2.67 -21.73
C LEU A 223 1.89 -2.21 -20.34
N PHE A 224 1.14 -1.32 -19.66
CA PHE A 224 1.56 -0.91 -18.34
C PHE A 224 1.64 -2.07 -17.37
N ARG A 225 0.77 -3.07 -17.53
CA ARG A 225 0.81 -4.20 -16.59
C ARG A 225 2.10 -4.96 -16.86
N LYS A 226 2.42 -5.20 -18.14
CA LYS A 226 3.67 -5.94 -18.43
C LYS A 226 4.89 -5.13 -17.95
N LYS A 227 4.87 -3.82 -18.17
CA LYS A 227 6.01 -3.00 -17.73
C LYS A 227 6.17 -3.14 -16.24
N MET A 228 5.03 -3.17 -15.50
CA MET A 228 5.08 -3.12 -14.06
C MET A 228 5.57 -4.41 -13.50
N VAL A 229 5.38 -5.54 -14.18
CA VAL A 229 5.96 -6.78 -13.73
C VAL A 229 7.47 -6.63 -13.79
N TRP A 230 8.01 -5.94 -14.82
CA TRP A 230 9.50 -5.89 -14.91
C TRP A 230 9.99 -4.92 -13.86
N GLU A 231 9.25 -3.82 -13.69
CA GLU A 231 9.61 -2.78 -12.65
C GLU A 231 9.67 -3.35 -11.28
N ILE A 232 8.74 -4.26 -11.01
CA ILE A 232 8.71 -4.84 -9.68
C ILE A 232 9.86 -5.84 -9.46
N LEU A 233 10.05 -6.72 -10.45
CA LEU A 233 11.22 -7.63 -10.40
C LEU A 233 12.49 -6.87 -10.26
N HIS A 234 12.58 -5.67 -10.85
CA HIS A 234 13.93 -5.10 -10.90
C HIS A 234 13.98 -3.93 -10.01
N GLN A 235 12.87 -3.60 -9.40
CA GLN A 235 12.85 -2.46 -8.50
C GLN A 235 13.35 -1.19 -9.14
N GLN A 236 12.85 -0.96 -10.35
CA GLN A 236 13.32 0.16 -11.10
C GLN A 236 12.23 0.53 -12.05
N LEU A 237 11.81 1.81 -12.07
CA LEU A 237 10.72 2.28 -12.92
C LEU A 237 11.31 2.64 -14.31
N LEU A 238 10.58 2.31 -15.36
CA LEU A 238 10.93 2.58 -16.73
C LEU A 238 10.35 3.90 -17.25
N ASP B 4 13.81 -13.59 28.51
CA ASP B 4 13.25 -12.50 27.67
C ASP B 4 12.10 -12.95 26.71
N HIS B 5 10.97 -13.35 27.29
CA HIS B 5 9.72 -13.43 26.52
C HIS B 5 9.20 -12.01 26.39
N ILE B 6 8.48 -11.74 25.32
CA ILE B 6 7.81 -10.45 25.10
C ILE B 6 6.31 -10.86 24.95
N ASN B 7 5.35 -10.13 25.57
CA ASN B 7 3.92 -10.20 25.15
C ASN B 7 3.62 -9.25 24.00
N LEU B 8 2.89 -9.80 23.01
CA LEU B 8 2.41 -9.08 21.84
C LEU B 8 0.91 -9.34 21.72
N LYS B 9 0.17 -8.34 21.23
CA LYS B 9 -1.26 -8.45 21.02
C LYS B 9 -1.45 -8.54 19.52
N VAL B 10 -2.30 -9.45 19.06
CA VAL B 10 -2.64 -9.47 17.65
C VAL B 10 -4.07 -9.05 17.44
N ALA B 11 -4.32 -7.97 16.71
CA ALA B 11 -5.68 -7.41 16.61
C ALA B 11 -6.23 -7.68 15.23
N GLY B 12 -7.32 -8.45 15.20
CA GLY B 12 -8.04 -8.72 13.93
C GLY B 12 -8.96 -7.58 13.53
N GLN B 13 -9.46 -7.61 12.30
CA GLN B 13 -10.34 -6.53 11.90
C GLN B 13 -11.72 -6.73 12.52
N ASP B 14 -12.13 -7.97 12.78
CA ASP B 14 -13.39 -8.18 13.54
C ASP B 14 -13.32 -7.75 15.01
N GLY B 15 -12.35 -6.97 15.44
CA GLY B 15 -12.22 -6.53 16.86
C GLY B 15 -11.60 -7.47 17.88
N SER B 16 -11.28 -8.67 17.48
CA SER B 16 -10.75 -9.65 18.44
C SER B 16 -9.27 -9.40 18.68
N VAL B 17 -8.76 -10.00 19.73
CA VAL B 17 -7.44 -9.68 20.26
C VAL B 17 -6.91 -10.98 20.79
N VAL B 18 -5.83 -11.50 20.22
CA VAL B 18 -5.26 -12.72 20.74
C VAL B 18 -3.89 -12.34 21.24
N GLN B 19 -3.60 -12.63 22.51
CA GLN B 19 -2.32 -12.35 23.12
C GLN B 19 -1.30 -13.45 22.90
N PHE B 20 -0.02 -13.08 22.95
CA PHE B 20 1.10 -14.00 22.71
C PHE B 20 2.30 -13.66 23.61
N LYS B 21 2.94 -14.70 24.12
CA LYS B 21 4.17 -14.53 24.87
C LYS B 21 5.17 -15.25 23.99
N ILE B 22 6.28 -14.60 23.65
CA ILE B 22 7.21 -15.22 22.68
C ILE B 22 8.63 -14.69 22.85
N LYS B 23 9.63 -15.48 22.42
CA LYS B 23 11.03 -15.13 22.56
C LYS B 23 11.33 -14.05 21.54
N ARG B 24 12.04 -13.03 22.02
CA ARG B 24 12.42 -11.88 21.24
C ARG B 24 13.29 -12.16 20.01
N HIS B 25 13.90 -13.36 19.98
CA HIS B 25 14.67 -13.77 18.79
C HIS B 25 14.12 -14.94 18.04
N THR B 26 12.96 -15.45 18.43
CA THR B 26 12.23 -16.46 17.67
C THR B 26 11.64 -15.79 16.42
N PRO B 27 11.63 -16.50 15.27
CA PRO B 27 10.99 -15.86 14.12
C PRO B 27 9.47 -15.74 14.33
N LEU B 28 8.90 -14.60 13.88
CA LEU B 28 7.47 -14.36 14.05
C LEU B 28 6.59 -15.40 13.36
N SER B 29 7.17 -16.30 12.53
CA SER B 29 6.34 -17.25 11.79
C SER B 29 5.64 -18.19 12.71
N LYS B 30 6.30 -18.49 13.83
CA LYS B 30 5.71 -19.34 14.83
C LYS B 30 4.43 -18.66 15.29
N LEU B 31 4.54 -17.41 15.71
CA LEU B 31 3.37 -16.60 16.03
C LEU B 31 2.26 -16.58 14.96
N MET B 32 2.64 -16.37 13.70
CA MET B 32 1.69 -16.22 12.62
C MET B 32 0.94 -17.46 12.35
N LYS B 33 1.64 -18.61 12.34
CA LYS B 33 0.96 -19.89 12.08
C LYS B 33 -0.05 -20.24 13.13
N ALA B 34 0.32 -19.97 14.39
CA ALA B 34 -0.53 -20.33 15.57
C ALA B 34 -1.79 -19.52 15.44
N TYR B 35 -1.59 -18.29 14.98
CA TYR B 35 -2.68 -17.38 14.86
C TYR B 35 -3.71 -17.86 13.80
N CYS B 36 -3.25 -18.27 12.62
CA CYS B 36 -4.19 -18.68 11.53
C CYS B 36 -4.91 -19.94 11.88
N GLU B 37 -4.15 -20.90 12.43
CA GLU B 37 -4.66 -22.20 12.83
C GLU B 37 -5.78 -21.99 13.82
N ARG B 38 -5.46 -21.26 14.88
CA ARG B 38 -6.43 -20.87 15.87
C ARG B 38 -7.64 -20.16 15.31
N GLN B 39 -7.45 -19.19 14.40
CA GLN B 39 -8.62 -18.45 13.87
C GLN B 39 -9.28 -19.10 12.67
N GLY B 40 -8.74 -20.21 12.19
CA GLY B 40 -9.28 -20.91 11.02
C GLY B 40 -9.14 -20.06 9.76
N LEU B 41 -8.00 -19.37 9.64
CA LEU B 41 -7.72 -18.45 8.53
C LEU B 41 -6.75 -19.09 7.58
N SER B 42 -6.74 -18.62 6.33
CA SER B 42 -5.78 -19.02 5.30
C SER B 42 -4.67 -18.00 5.23
N MET B 43 -3.44 -18.45 5.44
CA MET B 43 -2.28 -17.57 5.48
C MET B 43 -2.18 -16.57 4.33
N ARG B 44 -2.43 -17.07 3.12
CA ARG B 44 -2.32 -16.32 1.88
C ARG B 44 -3.32 -15.23 1.77
N GLN B 45 -4.43 -15.34 2.49
CA GLN B 45 -5.49 -14.35 2.46
C GLN B 45 -5.29 -13.27 3.53
N ILE B 46 -4.23 -13.31 4.33
CA ILE B 46 -4.15 -12.36 5.45
C ILE B 46 -2.77 -11.68 5.55
N ARG B 47 -2.66 -10.49 6.16
CA ARG B 47 -1.44 -9.79 6.25
C ARG B 47 -1.26 -9.34 7.63
N PHE B 48 -0.03 -9.50 8.11
CA PHE B 48 0.35 -9.07 9.42
C PHE B 48 1.15 -7.79 9.33
N ARG B 49 0.87 -6.81 10.19
CA ARG B 49 1.55 -5.55 10.02
C ARG B 49 1.91 -4.97 11.35
N PHE B 50 2.99 -4.22 11.38
CA PHE B 50 3.39 -3.65 12.64
C PHE B 50 3.49 -2.16 12.42
N ASP B 51 2.57 -1.44 13.05
CA ASP B 51 2.36 -0.02 12.62
C ASP B 51 2.33 0.21 11.13
N GLY B 52 1.70 -0.68 10.39
CA GLY B 52 1.45 -0.44 8.97
C GLY B 52 2.48 -1.10 8.05
N GLN B 53 3.53 -1.68 8.62
CA GLN B 53 4.70 -2.19 7.87
C GLN B 53 4.71 -3.68 7.92
N PRO B 54 5.21 -4.34 6.85
CA PRO B 54 5.13 -5.80 6.68
C PRO B 54 5.91 -6.48 7.80
N ILE B 55 5.36 -7.56 8.35
CA ILE B 55 6.12 -8.48 9.19
C ILE B 55 6.27 -9.75 8.36
N ASN B 56 7.48 -10.24 8.18
CA ASN B 56 7.66 -11.48 7.42
C ASN B 56 7.87 -12.68 8.34
N GLU B 57 7.42 -13.86 7.90
CA GLU B 57 7.73 -15.12 8.63
C GLU B 57 9.16 -15.11 9.25
N THR B 58 10.13 -14.68 8.44
CA THR B 58 11.54 -14.75 8.85
C THR B 58 11.90 -13.68 9.87
N ASP B 59 11.08 -12.64 10.01
CA ASP B 59 11.36 -11.53 10.97
C ASP B 59 11.26 -11.93 12.43
N THR B 60 12.09 -11.28 13.22
CA THR B 60 12.14 -11.48 14.64
C THR B 60 11.60 -10.23 15.34
N PRO B 61 11.00 -10.35 16.53
CA PRO B 61 10.62 -9.13 17.25
C PRO B 61 11.73 -8.11 17.52
N ALA B 62 12.87 -8.56 18.06
CA ALA B 62 14.07 -7.73 18.14
C ALA B 62 14.43 -7.06 16.79
N GLN B 63 14.53 -7.83 15.69
CA GLN B 63 14.82 -7.27 14.37
C GLN B 63 13.84 -6.19 13.95
N LEU B 64 12.55 -6.30 14.33
CA LEU B 64 11.56 -5.24 14.02
C LEU B 64 11.39 -4.30 15.19
N GLU B 65 12.26 -4.44 16.18
CA GLU B 65 12.26 -3.64 17.43
C GLU B 65 10.88 -3.41 18.03
N MET B 66 10.17 -4.50 18.22
CA MET B 66 8.94 -4.46 18.97
C MET B 66 9.31 -4.34 20.41
N GLU B 67 8.40 -3.82 21.21
CA GLU B 67 8.51 -3.83 22.67
C GLU B 67 7.34 -4.60 23.25
N ASP B 68 7.53 -5.12 24.46
CA ASP B 68 6.54 -5.93 25.15
C ASP B 68 5.22 -5.16 25.17
N GLU B 69 4.06 -5.84 25.04
CA GLU B 69 2.78 -5.08 24.96
C GLU B 69 2.38 -4.54 23.57
N ASP B 70 3.28 -4.61 22.59
CA ASP B 70 2.99 -4.02 21.30
C ASP B 70 1.88 -4.76 20.60
N THR B 71 1.27 -4.09 19.62
CA THR B 71 0.12 -4.64 18.93
C THR B 71 0.46 -4.90 17.47
N ILE B 72 0.07 -6.06 16.98
CA ILE B 72 0.25 -6.41 15.58
C ILE B 72 -1.12 -6.40 14.94
N ASP B 73 -1.31 -5.85 13.71
CA ASP B 73 -2.61 -5.95 13.04
C ASP B 73 -2.61 -7.03 12.05
N VAL B 74 -3.75 -7.68 11.92
CA VAL B 74 -3.97 -8.59 10.77
C VAL B 74 -5.04 -8.02 9.90
N PHE B 75 -4.75 -7.91 8.61
CA PHE B 75 -5.76 -7.43 7.69
C PHE B 75 -6.09 -8.53 6.70
N GLN B 76 -7.32 -8.60 6.20
CA GLN B 76 -7.55 -9.44 4.99
C GLN B 76 -6.89 -8.86 3.74
N GLN B 77 -6.48 -9.68 2.76
CA GLN B 77 -6.04 -9.21 1.42
C GLN B 77 -7.07 -8.27 0.83
N GLN B 78 -6.63 -7.37 -0.04
CA GLN B 78 -7.55 -6.52 -0.71
C GLN B 78 -7.37 -6.86 -2.17
N THR B 79 -8.43 -7.36 -2.81
CA THR B 79 -8.45 -7.65 -4.26
C THR B 79 -9.85 -7.52 -4.73
N GLY B 80 -10.08 -6.75 -5.80
CA GLY B 80 -11.49 -6.63 -6.29
C GLY B 80 -12.26 -7.94 -6.59
N GLY B 81 -11.60 -8.78 -7.37
CA GLY B 81 -12.31 -9.73 -8.19
C GLY B 81 -11.50 -10.94 -8.46
N VAL B 82 -12.13 -11.87 -9.17
CA VAL B 82 -11.51 -13.11 -9.50
C VAL B 82 -11.78 -13.40 -10.96
N TYR B 83 -10.69 -13.44 -11.73
CA TYR B 83 -10.69 -13.74 -13.14
C TYR B 83 -10.67 -15.27 -13.25
N LEU B 84 -11.39 -15.85 -14.22
CA LEU B 84 -11.52 -17.35 -14.28
C LEU B 84 -11.19 -17.94 -15.63
#